data_6E77
#
_entry.id   6E77
#
_cell.length_a   42.460
_cell.length_b   85.070
_cell.length_c   64.510
_cell.angle_alpha   90.000
_cell.angle_beta   90.000
_cell.angle_gamma   90.000
#
_symmetry.space_group_name_H-M   'P 21 21 2'
#
loop_
_entity.id
_entity.type
_entity.pdbx_description
1 polymer Transthyretin
2 non-polymer '2-(3,5-dichlorophenyl)-1,3-benzoxazole-6-carboxylic acid'
3 water water
#
_entity_poly.entity_id   1
_entity_poly.type   'polypeptide(L)'
_entity_poly.pdbx_seq_one_letter_code
;CPLMVKVLDAVRGSPAINVAVHVFRKAAADTWEPFASGKTSESGELHGLTTEEEFVEGIYKVEIDTKSYWKALGISPFHE
HAEVVFTANDSGPRRYTIAALLSPYSYSTTAVVTN
;
_entity_poly.pdbx_strand_id   A,B
#
loop_
_chem_comp.id
_chem_comp.type
_chem_comp.name
_chem_comp.formula
3MI non-polymer '2-(3,5-dichlorophenyl)-1,3-benzoxazole-6-carboxylic acid' 'C14 H7 Cl2 N O3'
#
# COMPACT_ATOMS: atom_id res chain seq x y z
N CYS A 1 15.83 -3.35 18.32
CA CYS A 1 15.24 -3.36 16.98
C CYS A 1 13.74 -3.02 17.05
N PRO A 2 13.35 -1.73 17.16
CA PRO A 2 11.90 -1.41 17.26
C PRO A 2 11.13 -1.58 15.96
N LEU A 3 11.82 -1.61 14.81
CA LEU A 3 11.16 -1.72 13.52
C LEU A 3 11.87 -2.75 12.63
N MET A 4 11.15 -3.82 12.21
CA MET A 4 11.75 -4.84 11.33
C MET A 4 10.80 -5.00 10.14
N VAL A 5 11.33 -5.36 8.98
CA VAL A 5 10.49 -5.58 7.79
C VAL A 5 10.78 -6.97 7.27
N LYS A 6 9.72 -7.75 6.96
CA LYS A 6 9.89 -9.11 6.46
C LYS A 6 9.09 -9.21 5.18
N VAL A 7 9.73 -9.74 4.12
CA VAL A 7 9.08 -9.81 2.82
C VAL A 7 9.16 -11.23 2.29
N LEU A 8 7.99 -11.75 1.88
CA LEU A 8 7.86 -13.10 1.33
C LEU A 8 7.38 -13.10 -0.11
N ASP A 9 7.75 -14.13 -0.86
CA ASP A 9 7.40 -14.26 -2.27
C ASP A 9 6.39 -15.42 -2.41
N ALA A 10 5.17 -15.11 -2.86
CA ALA A 10 4.07 -16.06 -3.00
C ALA A 10 4.14 -16.92 -4.27
N VAL A 11 5.02 -16.54 -5.23
CA VAL A 11 5.18 -17.27 -6.48
C VAL A 11 6.17 -18.40 -6.31
N ARG A 12 7.31 -18.10 -5.67
CA ARG A 12 8.41 -19.05 -5.48
C ARG A 12 8.33 -19.77 -4.15
N GLY A 13 7.50 -19.26 -3.22
CA GLY A 13 7.38 -19.89 -1.90
C GLY A 13 8.68 -19.76 -1.13
N SER A 14 9.20 -18.52 -1.04
CA SER A 14 10.49 -18.27 -0.46
C SER A 14 10.52 -16.88 0.15
N PRO A 15 11.56 -16.58 0.94
CA PRO A 15 11.74 -15.19 1.36
C PRO A 15 12.05 -14.35 0.09
N ALA A 16 11.68 -13.05 0.09
CA ALA A 16 11.99 -12.14 -1.03
C ALA A 16 13.33 -11.51 -0.67
N ILE A 17 14.39 -11.94 -1.34
CA ILE A 17 15.77 -11.57 -1.04
C ILE A 17 16.23 -10.38 -1.85
N ASN A 18 17.05 -9.51 -1.19
CA ASN A 18 17.67 -8.36 -1.84
C ASN A 18 16.63 -7.35 -2.36
N VAL A 19 15.51 -7.23 -1.63
CA VAL A 19 14.46 -6.26 -1.98
C VAL A 19 14.85 -4.94 -1.32
N ALA A 20 14.87 -3.84 -2.09
CA ALA A 20 15.11 -2.55 -1.48
C ALA A 20 13.90 -2.09 -0.70
N VAL A 21 14.16 -1.54 0.48
CA VAL A 21 13.11 -1.02 1.35
C VAL A 21 13.53 0.35 1.84
N HIS A 22 12.66 1.37 1.67
CA HIS A 22 12.89 2.73 2.14
C HIS A 22 11.86 3.12 3.14
N VAL A 23 12.28 3.64 4.28
CA VAL A 23 11.37 4.11 5.35
C VAL A 23 11.47 5.62 5.40
N PHE A 24 10.34 6.27 5.54
CA PHE A 24 10.24 7.71 5.65
C PHE A 24 9.40 8.07 6.85
N ARG A 25 9.63 9.27 7.39
CA ARG A 25 8.87 9.81 8.51
CA ARG A 25 8.86 9.81 8.51
C ARG A 25 8.18 11.09 8.05
N LYS A 26 6.91 11.28 8.41
CA LYS A 26 6.20 12.47 7.98
C LYS A 26 6.68 13.69 8.74
N ALA A 27 6.99 14.77 8.02
CA ALA A 27 7.47 16.02 8.61
C ALA A 27 6.36 17.08 8.61
N ALA A 28 6.40 18.00 9.60
CA ALA A 28 5.44 19.09 9.86
C ALA A 28 4.90 19.83 8.62
N ALA A 29 5.70 19.91 7.53
CA ALA A 29 5.29 20.58 6.29
C ALA A 29 4.70 19.61 5.23
N ASP A 30 3.97 18.56 5.72
CA ASP A 30 3.32 17.50 4.93
C ASP A 30 4.22 16.85 3.87
N THR A 31 5.49 16.62 4.22
CA THR A 31 6.47 16.01 3.33
C THR A 31 7.06 14.72 3.93
N TRP A 32 7.52 13.80 3.08
CA TRP A 32 8.13 12.54 3.52
C TRP A 32 9.64 12.71 3.56
N GLU A 33 10.23 12.64 4.76
CA GLU A 33 11.67 12.76 4.98
C GLU A 33 12.32 11.37 5.10
N PRO A 34 13.37 11.05 4.29
CA PRO A 34 14.04 9.75 4.48
C PRO A 34 14.43 9.52 5.92
N PHE A 35 14.20 8.29 6.38
CA PHE A 35 14.43 7.87 7.76
C PHE A 35 15.39 6.69 7.89
N ALA A 36 15.20 5.65 7.08
CA ALA A 36 16.05 4.47 7.12
C ALA A 36 15.84 3.71 5.85
N SER A 37 16.81 2.86 5.49
CA SER A 37 16.62 2.00 4.32
C SER A 37 17.58 0.84 4.33
N GLY A 38 17.34 -0.12 3.47
CA GLY A 38 18.23 -1.27 3.37
C GLY A 38 17.71 -2.26 2.35
N LYS A 39 18.37 -3.43 2.25
CA LYS A 39 17.94 -4.49 1.34
C LYS A 39 17.63 -5.70 2.19
N THR A 40 16.53 -6.45 1.89
CA THR A 40 16.26 -7.63 2.71
C THR A 40 17.36 -8.68 2.56
N SER A 41 17.55 -9.46 3.62
CA SER A 41 18.54 -10.52 3.73
C SER A 41 18.08 -11.78 3.01
N GLU A 42 18.89 -12.85 3.13
CA GLU A 42 18.55 -14.15 2.58
C GLU A 42 17.30 -14.75 3.25
N SER A 43 16.94 -14.24 4.43
CA SER A 43 15.74 -14.69 5.12
C SER A 43 14.55 -13.75 4.81
N GLY A 44 14.76 -12.79 3.91
CA GLY A 44 13.73 -11.82 3.54
C GLY A 44 13.49 -10.79 4.63
N GLU A 45 14.45 -10.64 5.60
CA GLU A 45 14.27 -9.72 6.72
C GLU A 45 15.22 -8.54 6.59
N LEU A 46 14.78 -7.41 7.13
CA LEU A 46 15.61 -6.23 7.15
C LEU A 46 15.61 -5.79 8.59
N HIS A 47 16.75 -5.99 9.24
CA HIS A 47 16.95 -5.67 10.66
C HIS A 47 17.85 -4.45 10.72
N GLY A 48 17.86 -3.79 11.87
CA GLY A 48 18.76 -2.67 12.14
C GLY A 48 18.42 -1.37 11.47
N LEU A 49 17.14 -1.16 11.10
CA LEU A 49 16.72 0.08 10.45
C LEU A 49 16.87 1.28 11.34
N THR A 50 16.50 1.12 12.64
CA THR A 50 16.52 2.25 13.58
C THR A 50 16.83 1.79 15.00
N THR A 51 16.84 2.73 15.94
CA THR A 51 17.08 2.43 17.36
C THR A 51 15.90 2.98 18.13
N GLU A 52 15.72 2.55 19.37
CA GLU A 52 14.62 3.04 20.20
C GLU A 52 14.67 4.57 20.33
N GLU A 53 15.88 5.15 20.48
CA GLU A 53 16.07 6.60 20.61
C GLU A 53 15.61 7.37 19.36
N GLU A 54 15.85 6.82 18.16
CA GLU A 54 15.47 7.53 16.92
C GLU A 54 14.02 7.34 16.50
N PHE A 55 13.43 6.21 16.88
CA PHE A 55 12.08 5.84 16.47
C PHE A 55 10.98 6.44 17.35
N VAL A 56 10.76 7.73 17.16
CA VAL A 56 9.75 8.44 17.95
C VAL A 56 8.35 8.26 17.35
N GLU A 57 7.31 8.65 18.14
CA GLU A 57 5.93 8.58 17.65
C GLU A 57 5.84 9.45 16.39
N GLY A 58 4.95 9.07 15.48
CA GLY A 58 4.81 9.83 14.25
C GLY A 58 4.24 8.94 13.16
N ILE A 59 4.07 9.50 11.97
CA ILE A 59 3.57 8.73 10.83
C ILE A 59 4.75 8.28 9.99
N TYR A 60 4.83 6.98 9.69
CA TYR A 60 5.92 6.41 8.90
C TYR A 60 5.37 5.75 7.66
N LYS A 61 6.19 5.73 6.61
CA LYS A 61 5.89 5.07 5.34
C LYS A 61 7.01 4.11 5.04
N VAL A 62 6.64 2.86 4.77
CA VAL A 62 7.60 1.82 4.40
C VAL A 62 7.32 1.53 2.94
N GLU A 63 8.29 1.85 2.06
N GLU A 63 8.28 1.82 2.04
CA GLU A 63 8.17 1.58 0.63
CA GLU A 63 8.12 1.61 0.59
C GLU A 63 9.00 0.33 0.34
C GLU A 63 9.03 0.46 0.13
N ILE A 64 8.40 -0.63 -0.34
CA ILE A 64 9.08 -1.86 -0.73
C ILE A 64 9.20 -1.85 -2.25
N ASP A 65 10.42 -1.93 -2.81
CA ASP A 65 10.61 -1.84 -4.28
C ASP A 65 10.28 -3.17 -4.95
N THR A 66 8.99 -3.47 -4.99
CA THR A 66 8.49 -4.72 -5.58
C THR A 66 8.74 -4.82 -7.07
N LYS A 67 8.65 -3.68 -7.81
CA LYS A 67 8.85 -3.74 -9.25
C LYS A 67 10.22 -4.23 -9.61
N SER A 68 11.27 -3.71 -8.95
CA SER A 68 12.63 -4.18 -9.26
C SER A 68 12.84 -5.62 -8.87
N TYR A 69 12.17 -6.07 -7.80
CA TYR A 69 12.29 -7.46 -7.36
C TYR A 69 11.77 -8.39 -8.45
N TRP A 70 10.55 -8.12 -8.96
CA TRP A 70 9.97 -8.97 -10.01
C TRP A 70 10.78 -8.89 -11.29
N LYS A 71 11.23 -7.68 -11.67
CA LYS A 71 12.03 -7.59 -12.92
C LYS A 71 13.31 -8.42 -12.82
N ALA A 72 13.95 -8.47 -11.63
CA ALA A 72 15.20 -9.25 -11.48
C ALA A 72 14.95 -10.75 -11.63
N LEU A 73 13.70 -11.18 -11.40
CA LEU A 73 13.29 -12.57 -11.54
C LEU A 73 12.73 -12.88 -12.96
N GLY A 74 12.69 -11.85 -13.82
CA GLY A 74 12.17 -11.99 -15.18
C GLY A 74 10.66 -12.11 -15.23
N ILE A 75 9.99 -11.59 -14.19
CA ILE A 75 8.54 -11.65 -14.04
C ILE A 75 7.90 -10.29 -14.19
N SER A 76 6.81 -10.23 -14.97
CA SER A 76 6.11 -8.99 -15.26
C SER A 76 5.21 -8.53 -14.08
N PRO A 77 5.53 -7.39 -13.43
CA PRO A 77 4.72 -6.96 -12.28
C PRO A 77 3.71 -5.86 -12.57
N PHE A 78 2.74 -5.69 -11.65
CA PHE A 78 1.74 -4.66 -11.84
C PHE A 78 2.10 -3.35 -11.10
N HIS A 79 2.46 -3.47 -9.81
CA HIS A 79 2.68 -2.28 -8.96
C HIS A 79 4.04 -1.64 -9.15
N GLU A 80 4.10 -0.31 -8.98
CA GLU A 80 5.39 0.39 -9.01
C GLU A 80 6.19 0.00 -7.75
N HIS A 81 5.52 -0.11 -6.61
CA HIS A 81 6.08 -0.49 -5.32
C HIS A 81 4.92 -0.80 -4.40
N ALA A 82 5.22 -1.24 -3.18
CA ALA A 82 4.20 -1.47 -2.16
C ALA A 82 4.51 -0.49 -1.04
N GLU A 83 3.52 0.30 -0.59
CA GLU A 83 3.71 1.31 0.46
C GLU A 83 2.88 0.89 1.66
N VAL A 84 3.44 1.02 2.85
CA VAL A 84 2.73 0.69 4.09
C VAL A 84 2.87 1.94 4.94
N VAL A 85 1.76 2.62 5.23
CA VAL A 85 1.75 3.89 5.97
C VAL A 85 1.00 3.72 7.27
N PHE A 86 1.67 4.03 8.39
CA PHE A 86 1.08 3.80 9.71
C PHE A 86 1.54 4.79 10.76
N THR A 87 0.86 4.85 11.90
CA THR A 87 1.30 5.69 13.01
C THR A 87 1.96 4.83 14.08
N ALA A 88 3.13 5.24 14.54
CA ALA A 88 3.85 4.59 15.64
C ALA A 88 3.35 5.31 16.90
N ASN A 89 2.77 4.56 17.83
CA ASN A 89 2.20 5.10 19.06
C ASN A 89 2.88 4.47 20.26
N ASP A 90 3.30 5.31 21.23
CA ASP A 90 3.96 4.84 22.45
C ASP A 90 2.87 4.50 23.44
N SER A 91 2.78 3.23 23.80
CA SER A 91 1.79 2.71 24.75
C SER A 91 2.39 1.45 25.32
N GLY A 92 3.39 1.63 26.18
CA GLY A 92 4.15 0.51 26.74
C GLY A 92 5.23 0.09 25.74
N PRO A 93 6.11 -0.88 26.08
CA PRO A 93 7.20 -1.24 25.16
C PRO A 93 6.66 -1.96 23.92
N ARG A 94 6.99 -1.43 22.72
CA ARG A 94 6.47 -2.01 21.46
C ARG A 94 7.51 -2.14 20.34
N ARG A 95 7.50 -3.32 19.71
CA ARG A 95 8.31 -3.68 18.57
C ARG A 95 7.34 -3.83 17.40
N TYR A 96 7.67 -3.26 16.23
CA TYR A 96 6.80 -3.34 15.07
C TYR A 96 7.44 -4.19 14.00
N THR A 97 6.76 -5.22 13.55
CA THR A 97 7.22 -5.98 12.40
C THR A 97 6.21 -5.71 11.29
N ILE A 98 6.69 -5.22 10.16
CA ILE A 98 5.82 -4.98 8.98
C ILE A 98 6.14 -6.14 8.07
N ALA A 99 5.14 -6.98 7.81
CA ALA A 99 5.36 -8.10 6.94
C ALA A 99 4.58 -7.90 5.63
N ALA A 100 5.13 -8.35 4.53
CA ALA A 100 4.47 -8.26 3.23
C ALA A 100 4.65 -9.53 2.47
N LEU A 101 3.58 -9.96 1.78
CA LEU A 101 3.58 -11.15 0.95
C LEU A 101 3.30 -10.70 -0.43
N LEU A 102 4.24 -10.95 -1.34
CA LEU A 102 4.18 -10.45 -2.71
C LEU A 102 3.81 -11.44 -3.78
N SER A 103 2.96 -10.99 -4.72
CA SER A 103 2.65 -11.69 -5.96
C SER A 103 2.74 -10.63 -7.09
N PRO A 104 2.84 -11.04 -8.35
CA PRO A 104 3.02 -10.01 -9.39
C PRO A 104 1.91 -8.97 -9.49
N TYR A 105 0.63 -9.39 -9.28
CA TYR A 105 -0.50 -8.47 -9.39
C TYR A 105 -1.18 -8.25 -8.06
N SER A 106 -0.54 -8.67 -6.97
CA SER A 106 -1.19 -8.51 -5.67
CA SER A 106 -1.17 -8.51 -5.66
C SER A 106 -0.15 -8.46 -4.55
N TYR A 107 -0.51 -7.84 -3.44
CA TYR A 107 0.33 -7.95 -2.24
C TYR A 107 -0.56 -7.87 -1.02
N SER A 108 -0.09 -8.45 0.07
CA SER A 108 -0.79 -8.37 1.34
C SER A 108 0.23 -7.85 2.35
N THR A 109 -0.23 -7.13 3.39
CA THR A 109 0.69 -6.69 4.42
C THR A 109 0.00 -6.76 5.74
N THR A 110 0.77 -7.07 6.79
CA THR A 110 0.21 -7.11 8.14
C THR A 110 1.22 -6.53 9.09
N ALA A 111 0.76 -6.11 10.24
CA ALA A 111 1.64 -5.55 11.27
C ALA A 111 1.60 -6.52 12.42
N VAL A 112 2.78 -6.85 12.96
CA VAL A 112 2.90 -7.70 14.15
C VAL A 112 3.54 -6.77 15.19
N VAL A 113 2.74 -6.31 16.18
CA VAL A 113 3.16 -5.34 17.19
C VAL A 113 3.21 -6.05 18.52
N THR A 114 4.42 -6.21 19.09
CA THR A 114 4.61 -6.98 20.32
C THR A 114 5.44 -6.27 21.37
N ASN A 115 5.32 -6.73 22.62
CA ASN A 115 6.08 -6.22 23.77
C ASN A 115 7.40 -6.99 23.89
N CYS B 1 -16.32 2.37 -18.15
CA CYS B 1 -15.80 2.26 -16.77
C CYS B 1 -14.42 1.58 -16.74
N PRO B 2 -13.34 2.33 -17.05
CA PRO B 2 -12.02 1.70 -17.16
C PRO B 2 -11.30 1.54 -15.83
N LEU B 3 -11.80 2.16 -14.75
CA LEU B 3 -11.17 2.04 -13.44
C LEU B 3 -12.24 1.85 -12.40
N MET B 4 -12.25 0.67 -11.71
CA MET B 4 -13.27 0.38 -10.67
C MET B 4 -12.50 -0.03 -9.41
N VAL B 5 -13.07 0.23 -8.22
CA VAL B 5 -12.42 -0.14 -6.98
C VAL B 5 -13.43 -0.91 -6.17
N LYS B 6 -13.04 -2.07 -5.62
CA LYS B 6 -13.94 -2.88 -4.82
C LYS B 6 -13.28 -3.11 -3.47
N VAL B 7 -14.01 -2.89 -2.36
CA VAL B 7 -13.39 -3.02 -1.04
C VAL B 7 -14.27 -3.93 -0.18
N LEU B 8 -13.63 -4.94 0.44
CA LEU B 8 -14.31 -5.91 1.31
C LEU B 8 -13.77 -5.81 2.74
N ASP B 9 -14.63 -6.13 3.74
CA ASP B 9 -14.29 -6.11 5.14
C ASP B 9 -14.15 -7.56 5.64
N ALA B 10 -12.93 -7.95 6.08
CA ALA B 10 -12.59 -9.30 6.50
C ALA B 10 -13.02 -9.61 7.93
N VAL B 11 -13.48 -8.62 8.68
CA VAL B 11 -13.91 -8.81 10.07
C VAL B 11 -15.40 -9.15 10.11
N ARG B 12 -16.18 -8.37 9.36
CA ARG B 12 -17.64 -8.49 9.28
C ARG B 12 -18.08 -9.50 8.21
N GLY B 13 -17.25 -9.72 7.18
CA GLY B 13 -17.63 -10.59 6.06
C GLY B 13 -18.68 -9.88 5.22
N SER B 14 -18.33 -8.66 4.80
CA SER B 14 -19.26 -7.83 4.08
C SER B 14 -18.53 -6.92 3.14
N PRO B 15 -19.25 -6.29 2.22
CA PRO B 15 -18.62 -5.19 1.46
C PRO B 15 -18.25 -4.07 2.45
N ALA B 16 -17.19 -3.32 2.15
CA ALA B 16 -16.79 -2.17 2.99
C ALA B 16 -17.49 -0.95 2.33
N ILE B 17 -18.53 -0.43 2.98
CA ILE B 17 -19.41 0.60 2.44
C ILE B 17 -18.93 1.98 2.86
N ASN B 18 -19.16 2.99 1.99
CA ASN B 18 -18.82 4.40 2.30
C ASN B 18 -17.33 4.61 2.56
N VAL B 19 -16.49 3.84 1.87
CA VAL B 19 -15.04 4.00 1.99
C VAL B 19 -14.61 5.09 1.01
N ALA B 20 -13.90 6.13 1.50
CA ALA B 20 -13.46 7.16 0.58
C ALA B 20 -12.24 6.66 -0.18
N VAL B 21 -12.17 7.00 -1.47
CA VAL B 21 -11.07 6.59 -2.37
C VAL B 21 -10.65 7.81 -3.14
N HIS B 22 -9.35 8.11 -3.15
CA HIS B 22 -8.79 9.21 -3.93
C HIS B 22 -7.81 8.64 -4.93
N VAL B 23 -7.89 9.10 -6.18
CA VAL B 23 -6.99 8.65 -7.24
C VAL B 23 -6.16 9.86 -7.63
N PHE B 24 -4.84 9.62 -7.76
CA PHE B 24 -3.90 10.64 -8.20
C PHE B 24 -3.16 10.16 -9.43
N ARG B 25 -2.63 11.11 -10.22
CA ARG B 25 -1.86 10.76 -11.41
C ARG B 25 -0.55 11.54 -11.32
N LYS B 26 0.57 10.87 -11.52
CA LYS B 26 1.88 11.50 -11.45
C LYS B 26 2.06 12.52 -12.56
N ALA B 27 2.44 13.75 -12.19
CA ALA B 27 2.63 14.83 -13.17
C ALA B 27 4.06 14.98 -13.62
N ALA B 28 4.26 15.76 -14.71
CA ALA B 28 5.55 16.07 -15.34
C ALA B 28 6.61 16.59 -14.35
N ALA B 29 6.17 17.31 -13.29
CA ALA B 29 7.05 17.89 -12.29
C ALA B 29 7.24 16.97 -11.06
N ASP B 30 7.10 15.65 -11.25
CA ASP B 30 7.20 14.59 -10.23
C ASP B 30 6.43 14.94 -8.93
N THR B 31 5.11 15.10 -9.08
CA THR B 31 4.15 15.41 -8.02
C THR B 31 2.88 14.59 -8.28
N TRP B 32 2.07 14.33 -7.24
CA TRP B 32 0.82 13.58 -7.36
C TRP B 32 -0.36 14.51 -7.59
N GLU B 33 -0.81 14.63 -8.84
CA GLU B 33 -1.96 15.47 -9.17
C GLU B 33 -3.29 14.79 -8.86
N PRO B 34 -4.29 15.49 -8.29
CA PRO B 34 -5.59 14.84 -8.06
C PRO B 34 -6.21 14.46 -9.39
N PHE B 35 -6.79 13.25 -9.48
CA PHE B 35 -7.36 12.73 -10.72
C PHE B 35 -8.85 12.41 -10.62
N ALA B 36 -9.26 11.73 -9.55
CA ALA B 36 -10.67 11.39 -9.38
C ALA B 36 -10.84 10.98 -7.93
N SER B 37 -12.08 11.02 -7.43
CA SER B 37 -12.36 10.49 -6.09
C SER B 37 -13.80 10.08 -5.98
N GLY B 38 -14.10 9.27 -4.97
CA GLY B 38 -15.47 8.81 -4.75
C GLY B 38 -15.56 8.01 -3.46
N LYS B 39 -16.73 7.44 -3.21
CA LYS B 39 -16.96 6.60 -2.02
C LYS B 39 -17.55 5.26 -2.48
N THR B 40 -17.17 4.16 -1.83
CA THR B 40 -17.80 2.88 -2.21
C THR B 40 -19.29 2.84 -1.86
N SER B 41 -20.03 2.09 -2.66
CA SER B 41 -21.47 1.92 -2.53
C SER B 41 -21.81 0.85 -1.49
N GLU B 42 -23.11 0.49 -1.39
CA GLU B 42 -23.58 -0.57 -0.49
C GLU B 42 -23.04 -1.94 -0.89
N SER B 43 -22.55 -2.06 -2.15
CA SER B 43 -21.96 -3.30 -2.64
C SER B 43 -20.40 -3.27 -2.48
N GLY B 44 -19.89 -2.19 -1.89
CA GLY B 44 -18.45 -1.97 -1.67
C GLY B 44 -17.73 -1.65 -2.96
N GLU B 45 -18.47 -1.22 -4.00
CA GLU B 45 -17.88 -0.89 -5.29
C GLU B 45 -17.94 0.61 -5.55
N LEU B 46 -16.94 1.10 -6.26
CA LEU B 46 -16.90 2.49 -6.66
C LEU B 46 -16.73 2.49 -8.14
N HIS B 47 -17.81 2.94 -8.82
CA HIS B 47 -17.87 3.04 -10.29
C HIS B 47 -17.88 4.53 -10.66
N GLY B 48 -17.58 4.79 -11.92
CA GLY B 48 -17.67 6.14 -12.50
C GLY B 48 -16.57 7.11 -12.12
N LEU B 49 -15.43 6.58 -11.67
CA LEU B 49 -14.30 7.46 -11.31
C LEU B 49 -13.82 8.25 -12.53
N THR B 50 -13.74 7.58 -13.70
CA THR B 50 -13.19 8.22 -14.89
C THR B 50 -13.81 7.70 -16.18
N THR B 51 -13.31 8.21 -17.32
CA THR B 51 -13.80 7.84 -18.65
C THR B 51 -12.60 7.34 -19.45
N GLU B 52 -12.88 6.63 -20.54
CA GLU B 52 -11.80 6.16 -21.42
C GLU B 52 -10.99 7.36 -21.97
N GLU B 53 -11.65 8.52 -22.21
CA GLU B 53 -10.95 9.72 -22.72
C GLU B 53 -9.96 10.30 -21.68
N GLU B 54 -10.41 10.42 -20.42
CA GLU B 54 -9.62 11.05 -19.38
C GLU B 54 -8.51 10.15 -18.86
N PHE B 55 -8.74 8.83 -18.86
CA PHE B 55 -7.82 7.89 -18.25
C PHE B 55 -6.69 7.54 -19.21
N VAL B 56 -5.77 8.48 -19.36
CA VAL B 56 -4.66 8.33 -20.27
C VAL B 56 -3.52 7.54 -19.64
N GLU B 57 -2.47 7.28 -20.41
CA GLU B 57 -1.29 6.57 -19.92
C GLU B 57 -0.74 7.39 -18.76
N GLY B 58 -0.21 6.72 -17.76
CA GLY B 58 0.41 7.42 -16.65
C GLY B 58 0.65 6.52 -15.46
N ILE B 59 1.21 7.11 -14.41
CA ILE B 59 1.40 6.37 -13.15
C ILE B 59 0.29 6.89 -12.25
N TYR B 60 -0.55 5.97 -11.75
CA TYR B 60 -1.67 6.32 -10.90
C TYR B 60 -1.50 5.80 -9.50
N LYS B 61 -2.07 6.50 -8.53
CA LYS B 61 -2.07 6.07 -7.14
C LYS B 61 -3.52 6.05 -6.68
N VAL B 62 -4.00 4.89 -6.23
CA VAL B 62 -5.35 4.77 -5.68
C VAL B 62 -5.16 4.69 -4.18
N GLU B 63 -5.63 5.72 -3.44
CA GLU B 63 -5.51 5.77 -1.98
CA GLU B 63 -5.50 5.75 -1.99
C GLU B 63 -6.87 5.43 -1.40
N ILE B 64 -6.94 4.37 -0.60
CA ILE B 64 -8.20 3.92 0.01
C ILE B 64 -8.13 4.34 1.47
N ASP B 65 -9.09 5.14 1.92
CA ASP B 65 -9.02 5.69 3.26
CA ASP B 65 -9.09 5.70 3.26
C ASP B 65 -9.55 4.68 4.29
N THR B 66 -8.71 3.66 4.54
CA THR B 66 -9.04 2.59 5.49
C THR B 66 -9.15 3.11 6.92
N LYS B 67 -8.29 4.08 7.31
CA LYS B 67 -8.36 4.60 8.70
C LYS B 67 -9.71 5.20 9.03
N SER B 68 -10.25 6.07 8.13
CA SER B 68 -11.58 6.66 8.41
C SER B 68 -12.69 5.62 8.41
N TYR B 69 -12.55 4.55 7.60
CA TYR B 69 -13.49 3.46 7.56
C TYR B 69 -13.55 2.79 8.93
N TRP B 70 -12.36 2.38 9.48
CA TRP B 70 -12.34 1.69 10.76
C TRP B 70 -12.79 2.64 11.89
N LYS B 71 -12.34 3.90 11.85
CA LYS B 71 -12.73 4.87 12.90
C LYS B 71 -14.24 5.16 12.95
N ALA B 72 -14.91 5.13 11.77
CA ALA B 72 -16.37 5.34 11.70
C ALA B 72 -17.10 4.16 12.31
N LEU B 73 -16.46 2.97 12.35
CA LEU B 73 -17.01 1.76 12.96
C LEU B 73 -16.60 1.66 14.43
N GLY B 74 -15.95 2.71 14.94
CA GLY B 74 -15.49 2.80 16.32
C GLY B 74 -14.30 1.92 16.65
N ILE B 75 -13.43 1.64 15.65
CA ILE B 75 -12.22 0.79 15.82
C ILE B 75 -10.94 1.64 15.53
N SER B 76 -9.82 1.45 16.30
CA SER B 76 -8.55 2.17 16.03
C SER B 76 -7.66 1.27 15.18
N PRO B 77 -7.48 1.56 13.88
CA PRO B 77 -6.69 0.64 13.05
C PRO B 77 -5.21 0.98 13.00
N PHE B 78 -4.44 0.11 12.37
CA PHE B 78 -3.00 0.32 12.28
C PHE B 78 -2.57 1.30 11.15
N HIS B 79 -3.11 1.08 9.93
CA HIS B 79 -2.64 1.83 8.75
C HIS B 79 -3.37 3.14 8.61
N GLU B 80 -2.71 4.11 7.97
CA GLU B 80 -3.35 5.42 7.70
C GLU B 80 -4.30 5.25 6.52
N HIS B 81 -3.89 4.45 5.53
CA HIS B 81 -4.66 4.16 4.33
C HIS B 81 -4.00 3.02 3.62
N ALA B 82 -4.57 2.56 2.51
CA ALA B 82 -4.00 1.51 1.67
C ALA B 82 -3.76 2.20 0.34
N GLU B 83 -2.52 2.16 -0.17
CA GLU B 83 -2.17 2.82 -1.43
C GLU B 83 -1.82 1.81 -2.49
N VAL B 84 -2.34 2.01 -3.69
CA VAL B 84 -2.03 1.08 -4.76
C VAL B 84 -1.45 1.94 -5.87
N VAL B 85 -0.18 1.71 -6.26
CA VAL B 85 0.50 2.54 -7.26
C VAL B 85 0.88 1.71 -8.46
N PHE B 86 0.45 2.15 -9.69
CA PHE B 86 0.73 1.35 -10.87
C PHE B 86 0.78 2.17 -12.12
N THR B 87 1.45 1.67 -13.16
CA THR B 87 1.42 2.30 -14.47
C THR B 87 0.16 1.74 -15.18
N ALA B 88 -0.64 2.63 -15.79
CA ALA B 88 -1.84 2.23 -16.52
C ALA B 88 -1.76 2.63 -17.97
N ASN B 89 -2.34 1.81 -18.85
CA ASN B 89 -2.56 2.08 -20.28
C ASN B 89 -1.29 2.26 -21.11
N ASP B 90 -0.19 1.68 -20.64
CA ASP B 90 1.15 1.69 -21.25
C ASP B 90 1.20 1.00 -22.64
N SER B 91 0.33 0.01 -22.86
CA SER B 91 0.24 -0.72 -24.14
C SER B 91 -1.17 -0.56 -24.72
N GLY B 92 -1.78 0.58 -24.45
CA GLY B 92 -3.13 0.87 -24.90
C GLY B 92 -4.10 0.75 -23.74
N PRO B 93 -5.38 1.17 -23.99
CA PRO B 93 -6.39 1.13 -22.92
C PRO B 93 -6.69 -0.26 -22.37
N ARG B 94 -6.81 -0.33 -21.05
CA ARG B 94 -7.19 -1.57 -20.36
C ARG B 94 -8.26 -1.19 -19.36
N ARG B 95 -8.98 -2.18 -18.86
CA ARG B 95 -9.96 -1.95 -17.79
C ARG B 95 -9.32 -2.48 -16.51
N TYR B 96 -9.33 -1.68 -15.45
CA TYR B 96 -8.68 -2.10 -14.22
C TYR B 96 -9.67 -2.18 -13.10
N THR B 97 -9.64 -3.30 -12.34
CA THR B 97 -10.39 -3.37 -11.09
C THR B 97 -9.34 -3.49 -10.01
N ILE B 98 -9.39 -2.60 -9.02
CA ILE B 98 -8.45 -2.64 -7.91
C ILE B 98 -9.32 -3.13 -6.75
N ALA B 99 -8.98 -4.30 -6.18
CA ALA B 99 -9.77 -4.81 -5.07
C ALA B 99 -8.94 -4.79 -3.81
N ALA B 100 -9.58 -4.54 -2.67
CA ALA B 100 -8.86 -4.53 -1.40
C ALA B 100 -9.68 -5.24 -0.37
N LEU B 101 -9.01 -6.01 0.51
CA LEU B 101 -9.67 -6.76 1.57
C LEU B 101 -9.06 -6.21 2.84
N LEU B 102 -9.91 -5.73 3.76
CA LEU B 102 -9.41 -5.01 4.93
C LEU B 102 -9.61 -5.68 6.26
N SER B 103 -8.62 -5.54 7.15
CA SER B 103 -8.70 -5.96 8.56
C SER B 103 -8.04 -4.81 9.35
N PRO B 104 -8.27 -4.69 10.67
CA PRO B 104 -7.70 -3.52 11.37
C PRO B 104 -6.19 -3.40 11.30
N TYR B 105 -5.43 -4.52 11.28
CA TYR B 105 -3.96 -4.47 11.26
C TYR B 105 -3.39 -5.06 9.96
N SER B 106 -4.24 -5.21 8.93
CA SER B 106 -3.74 -5.82 7.70
C SER B 106 -4.60 -5.49 6.52
N TYR B 107 -4.03 -5.53 5.33
CA TYR B 107 -4.87 -5.44 4.12
C TYR B 107 -4.20 -6.19 3.01
N SER B 108 -5.02 -6.61 2.04
CA SER B 108 -4.49 -7.24 0.83
C SER B 108 -5.12 -6.46 -0.32
N THR B 109 -4.41 -6.42 -1.45
CA THR B 109 -4.94 -5.79 -2.64
C THR B 109 -4.57 -6.62 -3.83
N THR B 110 -5.44 -6.63 -4.84
CA THR B 110 -5.13 -7.32 -6.10
C THR B 110 -5.65 -6.49 -7.25
N ALA B 111 -5.16 -6.74 -8.44
CA ALA B 111 -5.67 -6.03 -9.59
C ALA B 111 -6.16 -7.02 -10.60
N VAL B 112 -7.30 -6.72 -11.23
CA VAL B 112 -7.83 -7.55 -12.34
C VAL B 112 -7.73 -6.61 -13.52
N VAL B 113 -6.94 -6.97 -14.53
CA VAL B 113 -6.71 -6.11 -15.71
C VAL B 113 -7.23 -6.85 -16.93
N THR B 114 -8.18 -6.24 -17.64
CA THR B 114 -8.77 -6.90 -18.81
C THR B 114 -8.64 -6.03 -20.05
N ASN B 115 -8.60 -6.65 -21.24
CA ASN B 115 -8.45 -5.92 -22.49
C ASN B 115 -9.78 -5.83 -23.22
OAA 3MI C . 8.70 -17.54 9.10
OAB 3MI C . 9.08 -16.22 10.82
CAE 3MI C . 7.38 -14.26 9.76
CAF 3MI C . 6.45 -13.34 9.33
CAG 3MI C . 0.48 -12.99 4.66
CAH 3MI C . 2.38 -12.37 5.99
CAI 3MI C . 1.79 -14.68 5.74
CAJ 3MI C . 6.37 -16.00 8.40
NAK 3MI C . 4.41 -13.10 7.83
OAL 3MI C . 4.35 -15.18 7.18
CAM 3MI C . 8.44 -16.51 9.78
CAN 3MI C . 1.33 -12.05 5.19
CAO 3MI C . 0.73 -14.30 4.97
CAP 3MI C . 7.35 -15.57 9.29
CAQ 3MI C . 2.60 -13.68 6.27
CAR 3MI C . 3.77 -14.01 7.12
CAS 3MI C . 5.45 -13.77 8.44
CAT 3MI C . 5.41 -15.07 7.97
CLC 3MI C . 1.05 -10.34 4.85
CLD 3MI C . -0.36 -15.52 4.29
OAA 3MI D . -17.52 -9.42 -7.51
OAB 3MI D . -17.66 -10.57 -5.67
CAE 3MI D . -14.73 -8.82 -7.05
CAF 3MI D . -13.38 -8.61 -6.79
CAG 3MI D . -8.33 -11.16 -1.66
CAH 3MI D . -9.35 -9.59 -3.16
CAI 3MI D . -10.51 -11.63 -2.58
CAJ 3MI D . -14.89 -10.33 -5.19
NAK 3MI D . -11.52 -9.29 -5.17
OAL 3MI D . -12.76 -10.63 -3.97
CAM 3MI D . -16.97 -9.91 -6.50
CAN 3MI D . -8.30 -9.97 -2.35
CAO 3MI D . -9.43 -11.97 -1.81
CAP 3MI D . -15.48 -9.68 -6.24
CAQ 3MI D . -10.44 -10.44 -3.26
CAR 3MI D . -11.58 -10.09 -4.12
CAS 3MI D . -12.79 -9.26 -5.70
CAT 3MI D . -13.54 -10.12 -4.91
CLC 3MI D . -6.88 -8.91 -2.20
CLD 3MI D . -9.52 -13.49 -0.92
#